data_6T5Z
#
_entry.id   6T5Z
#
_cell.length_a   76.530
_cell.length_b   80.390
_cell.length_c   90.910
_cell.angle_alpha   90.000
_cell.angle_beta   90.000
_cell.angle_gamma   90.000
#
_symmetry.space_group_name_H-M   'P 21 21 21'
#
loop_
_entity.id
_entity.type
_entity.pdbx_description
1 polymer 'Chitin-binding type-4 domain-containing protein'
2 non-polymer 'COPPER (II) ION'
3 water water
#
_entity_poly.entity_id   1
_entity_poly.type   'polypeptide(L)'
_entity_poly.pdbx_seq_one_letter_code
;HGYIDSPGSRAFLCSAQGNEQNMDCGLVKYEPQSLEAKKGFPQAGPEDGHIASAGIGHFGALDAQTEDRWKKIPITAGEI
EFQWEIMIQHKTSSWEYFITKLGWDPNKPLTREQFNSTPFCFEDYQEKMPSSRVINKCTLPEGYQGYHVILGVWTISDTL
NAFYQVIDTTISPA
;
_entity_poly.pdbx_strand_id   A,B,C
#
loop_
_chem_comp.id
_chem_comp.type
_chem_comp.name
_chem_comp.formula
CU non-polymer 'COPPER (II) ION' 'Cu 2'
#
# COMPACT_ATOMS: atom_id res chain seq x y z
N HIS A 1 -4.00 -5.95 19.41
CA HIS A 1 -2.60 -5.84 19.00
C HIS A 1 -2.13 -7.03 18.18
N GLY A 2 -1.57 -6.76 17.00
CA GLY A 2 -1.07 -7.83 16.15
C GLY A 2 -0.37 -7.28 14.93
N TYR A 3 0.26 -8.19 14.18
CA TYR A 3 1.00 -7.81 12.99
C TYR A 3 0.97 -8.96 11.99
N ILE A 4 1.31 -8.65 10.74
CA ILE A 4 1.37 -9.63 9.67
C ILE A 4 2.81 -10.10 9.52
N ASP A 5 3.02 -11.42 9.62
CA ASP A 5 4.36 -11.99 9.45
C ASP A 5 4.50 -12.86 8.20
N SER A 6 3.48 -12.92 7.36
CA SER A 6 3.58 -13.65 6.09
C SER A 6 2.53 -13.15 5.11
N PRO A 7 2.94 -12.52 4.00
CA PRO A 7 4.28 -12.02 3.67
C PRO A 7 4.68 -11.03 4.76
N GLY A 8 5.93 -11.08 5.22
CA GLY A 8 6.32 -10.26 6.36
C GLY A 8 6.07 -8.79 6.13
N SER A 9 5.38 -8.14 7.08
CA SER A 9 5.08 -6.71 6.91
C SER A 9 6.33 -5.88 7.15
N ARG A 10 6.23 -4.60 6.77
CA ARG A 10 7.36 -3.68 6.92
C ARG A 10 7.78 -3.57 8.37
N ALA A 11 6.79 -3.46 9.28
CA ALA A 11 7.09 -3.41 10.71
C ALA A 11 7.63 -4.74 11.22
N PHE A 12 7.05 -5.86 10.75
CA PHE A 12 7.55 -7.16 11.17
C PHE A 12 9.01 -7.34 10.80
N LEU A 13 9.39 -6.94 9.59
CA LEU A 13 10.77 -7.09 9.15
C LEU A 13 11.71 -6.19 9.92
N CYS A 14 11.20 -5.12 10.53
CA CYS A 14 12.02 -4.31 11.43
C CYS A 14 12.35 -5.03 12.73
N SER A 15 11.56 -6.02 13.11
CA SER A 15 11.64 -6.60 14.44
C SER A 15 12.72 -7.68 14.51
N ALA A 16 13.06 -8.05 15.75
CA ALA A 16 14.01 -9.12 15.97
C ALA A 16 13.52 -10.42 15.34
N GLN A 17 12.22 -10.73 15.52
CA GLN A 17 11.70 -11.94 14.90
C GLN A 17 11.68 -11.86 13.38
N GLY A 18 11.66 -10.64 12.82
CA GLY A 18 11.84 -10.48 11.39
C GLY A 18 13.30 -10.44 10.97
N ASN A 19 14.19 -10.66 11.95
CA ASN A 19 15.64 -10.65 11.77
C ASN A 19 16.18 -9.37 11.15
N GLU A 20 15.51 -8.26 11.47
CA GLU A 20 16.02 -6.92 11.18
C GLU A 20 16.38 -6.76 9.70
N GLN A 21 15.54 -7.31 8.83
N GLN A 21 15.53 -7.31 8.84
CA GLN A 21 15.74 -7.13 7.41
CA GLN A 21 15.71 -7.14 7.42
C GLN A 21 15.43 -5.69 6.98
C GLN A 21 15.44 -5.69 6.99
N ASN A 22 14.63 -4.97 7.77
CA ASN A 22 14.56 -3.51 7.71
C ASN A 22 15.29 -2.98 8.94
N MET A 23 16.06 -1.92 8.73
N MET A 23 16.05 -1.92 8.75
CA MET A 23 16.85 -1.25 9.75
CA MET A 23 16.76 -1.28 9.84
C MET A 23 16.37 0.18 9.91
C MET A 23 16.37 0.19 9.92
N ASP A 24 16.82 0.82 11.00
CA ASP A 24 16.56 2.24 11.27
C ASP A 24 15.06 2.54 11.34
N CYS A 25 14.34 1.67 12.06
CA CYS A 25 12.88 1.75 12.17
C CYS A 25 12.42 2.40 13.47
N GLY A 26 13.33 2.80 14.34
CA GLY A 26 12.91 3.36 15.61
C GLY A 26 12.18 2.33 16.47
N LEU A 27 11.22 2.82 17.26
CA LEU A 27 10.52 1.96 18.21
C LEU A 27 9.73 0.85 17.54
N VAL A 28 9.37 1.01 16.26
CA VAL A 28 8.63 -0.03 15.53
C VAL A 28 9.26 -1.40 15.75
N LYS A 29 10.59 -1.45 15.70
CA LYS A 29 11.34 -2.68 15.88
C LYS A 29 10.84 -3.48 17.09
N TYR A 30 10.47 -2.78 18.17
CA TYR A 30 10.19 -3.44 19.43
C TYR A 30 8.71 -3.63 19.70
N GLU A 31 7.83 -3.09 18.85
CA GLU A 31 6.39 -3.32 18.99
C GLU A 31 5.70 -3.20 17.64
N PRO A 32 6.01 -4.11 16.72
CA PRO A 32 5.31 -4.12 15.42
C PRO A 32 3.83 -4.41 15.54
N GLN A 33 3.37 -4.88 16.70
CA GLN A 33 1.97 -5.20 16.97
C GLN A 33 1.14 -3.99 17.33
N SER A 34 1.74 -2.80 17.37
CA SER A 34 1.13 -1.67 18.07
C SER A 34 0.73 -0.52 17.16
N LEU A 35 0.57 -0.78 15.87
CA LEU A 35 0.24 0.26 14.90
C LEU A 35 -1.28 0.44 14.87
N GLU A 36 -1.78 1.08 15.92
CA GLU A 36 -3.21 1.22 16.18
C GLU A 36 -3.66 2.66 15.93
N ALA A 37 -4.77 2.81 15.23
CA ALA A 37 -5.29 4.12 14.86
C ALA A 37 -6.77 3.99 14.58
N LYS A 38 -7.42 5.12 14.29
CA LYS A 38 -8.85 5.08 14.02
C LYS A 38 -9.17 4.20 12.82
N LYS A 39 -10.29 3.48 12.90
CA LYS A 39 -10.72 2.62 11.81
C LYS A 39 -11.26 3.45 10.65
N GLY A 40 -11.61 2.79 9.56
CA GLY A 40 -12.37 3.42 8.50
C GLY A 40 -11.57 3.96 7.34
N PHE A 41 -10.30 3.58 7.20
CA PHE A 41 -9.56 3.92 6.00
C PHE A 41 -10.31 3.43 4.75
N PRO A 42 -10.38 4.25 3.69
CA PRO A 42 -9.79 5.58 3.50
C PRO A 42 -10.68 6.77 3.87
N GLN A 43 -11.94 6.52 4.24
CA GLN A 43 -12.82 7.64 4.59
C GLN A 43 -12.38 8.32 5.88
N ALA A 44 -11.72 7.57 6.76
CA ALA A 44 -11.10 8.13 7.96
C ALA A 44 -9.76 7.42 8.15
N GLY A 45 -9.26 7.44 9.38
CA GLY A 45 -8.04 6.76 9.72
C GLY A 45 -6.80 7.61 9.52
N PRO A 46 -5.64 6.95 9.45
CA PRO A 46 -4.36 7.68 9.41
C PRO A 46 -4.29 8.64 8.22
N GLU A 47 -3.75 9.83 8.48
CA GLU A 47 -3.70 10.84 7.43
C GLU A 47 -2.68 10.48 6.36
N ASP A 48 -2.89 11.06 5.17
CA ASP A 48 -1.97 10.92 4.06
C ASP A 48 -0.54 11.20 4.52
N GLY A 49 0.41 10.44 3.99
CA GLY A 49 1.80 10.58 4.37
C GLY A 49 2.19 9.93 5.68
N HIS A 50 1.21 9.45 6.45
CA HIS A 50 1.42 8.81 7.74
C HIS A 50 0.59 7.54 7.84
N ILE A 51 0.36 6.88 6.70
CA ILE A 51 -0.40 5.65 6.68
C ILE A 51 0.41 4.50 7.28
N ALA A 52 1.68 4.37 6.87
CA ALA A 52 2.51 3.28 7.36
C ALA A 52 2.78 3.37 8.86
N SER A 53 2.88 4.58 9.41
CA SER A 53 3.08 4.76 10.84
C SER A 53 1.78 4.73 11.64
N ALA A 54 0.64 4.50 10.98
CA ALA A 54 -0.68 4.63 11.61
C ALA A 54 -0.84 5.97 12.29
N GLY A 55 -0.21 7.01 11.74
CA GLY A 55 -0.28 8.34 12.33
C GLY A 55 0.33 8.48 13.71
N ILE A 56 1.20 7.56 14.11
CA ILE A 56 1.85 7.61 15.42
C ILE A 56 3.27 8.15 15.24
N GLY A 57 3.58 9.25 15.93
CA GLY A 57 4.82 9.96 15.65
C GLY A 57 6.07 9.11 15.79
N HIS A 58 6.15 8.31 16.84
CA HIS A 58 7.40 7.58 17.05
C HIS A 58 7.52 6.33 16.18
N PHE A 59 6.54 6.07 15.32
CA PHE A 59 6.64 5.08 14.26
C PHE A 59 6.88 5.72 12.89
N GLY A 60 7.17 7.02 12.85
CA GLY A 60 7.29 7.78 11.62
C GLY A 60 8.39 7.34 10.68
N ALA A 61 9.39 6.59 11.16
CA ALA A 61 10.40 6.04 10.23
C ALA A 61 9.74 5.24 9.12
N LEU A 62 8.61 4.60 9.40
CA LEU A 62 7.95 3.80 8.38
C LEU A 62 7.37 4.63 7.24
N ASP A 63 7.25 5.94 7.41
CA ASP A 63 6.62 6.77 6.40
C ASP A 63 7.58 7.14 5.28
N ALA A 64 8.87 6.84 5.41
CA ALA A 64 9.79 7.04 4.31
C ALA A 64 9.32 6.21 3.13
N GLN A 65 9.46 6.75 1.92
CA GLN A 65 9.04 6.04 0.72
C GLN A 65 10.00 6.35 -0.41
N THR A 66 10.88 5.39 -0.71
CA THR A 66 11.73 5.40 -1.89
C THR A 66 11.79 3.98 -2.41
N GLU A 67 12.20 3.82 -3.68
CA GLU A 67 12.39 2.50 -4.23
C GLU A 67 13.42 1.69 -3.43
N ASP A 68 14.41 2.37 -2.83
CA ASP A 68 15.54 1.71 -2.20
C ASP A 68 15.31 1.38 -0.73
N ARG A 69 14.28 1.95 -0.10
CA ARG A 69 14.24 2.00 1.37
C ARG A 69 13.95 0.64 1.98
N TRP A 70 12.97 -0.08 1.45
CA TRP A 70 12.35 -1.19 2.17
C TRP A 70 12.68 -2.53 1.52
N LYS A 71 12.89 -3.53 2.37
CA LYS A 71 13.04 -4.89 1.89
C LYS A 71 11.70 -5.39 1.36
N LYS A 72 11.71 -5.98 0.17
CA LYS A 72 10.49 -6.38 -0.51
C LYS A 72 10.35 -7.90 -0.49
N ILE A 73 9.17 -8.37 -0.14
CA ILE A 73 8.89 -9.81 -0.18
C ILE A 73 8.58 -10.18 -1.63
N PRO A 74 9.27 -11.15 -2.22
CA PRO A 74 8.92 -11.60 -3.57
C PRO A 74 7.66 -12.45 -3.55
N ILE A 75 6.70 -12.10 -4.41
CA ILE A 75 5.45 -12.85 -4.54
C ILE A 75 5.07 -12.93 -6.01
N THR A 76 4.31 -13.97 -6.33
N THR A 76 4.32 -13.98 -6.35
CA THR A 76 3.77 -14.16 -7.67
CA THR A 76 3.80 -14.14 -7.69
C THR A 76 2.32 -13.71 -7.69
C THR A 76 2.33 -13.73 -7.71
N ALA A 77 1.95 -13.01 -8.76
CA ALA A 77 0.58 -12.53 -8.89
C ALA A 77 -0.40 -13.70 -8.86
N GLY A 78 -1.59 -13.42 -8.33
CA GLY A 78 -2.63 -14.42 -8.18
C GLY A 78 -3.02 -14.57 -6.73
N GLU A 79 -3.26 -15.82 -6.33
CA GLU A 79 -3.67 -16.09 -4.97
C GLU A 79 -2.55 -15.75 -3.99
N ILE A 80 -2.95 -15.25 -2.82
CA ILE A 80 -2.02 -14.85 -1.77
C ILE A 80 -2.74 -15.02 -0.43
N GLU A 81 -1.98 -15.44 0.58
CA GLU A 81 -2.49 -15.60 1.94
C GLU A 81 -1.73 -14.66 2.87
N PHE A 82 -2.47 -14.00 3.74
CA PHE A 82 -1.90 -13.14 4.77
C PHE A 82 -2.09 -13.78 6.14
N GLN A 83 -1.03 -13.83 6.92
CA GLN A 83 -1.07 -14.40 8.27
C GLN A 83 -0.81 -13.31 9.30
N TRP A 84 -1.75 -13.16 10.23
CA TRP A 84 -1.60 -12.27 11.38
C TRP A 84 -1.24 -13.07 12.62
N GLU A 85 -0.28 -12.53 13.39
CA GLU A 85 -0.01 -12.97 14.76
C GLU A 85 -0.76 -12.03 15.70
N ILE A 86 -1.75 -12.56 16.41
CA ILE A 86 -2.65 -11.77 17.23
C ILE A 86 -2.15 -11.87 18.67
N MET A 87 -1.29 -10.91 19.06
N MET A 87 -1.31 -10.90 19.06
CA MET A 87 -0.72 -10.97 20.41
CA MET A 87 -0.72 -10.94 20.38
C MET A 87 -1.76 -10.70 21.48
C MET A 87 -1.75 -10.69 21.47
N ILE A 88 -2.72 -9.82 21.21
CA ILE A 88 -3.84 -9.59 22.12
C ILE A 88 -5.12 -9.68 21.29
N GLN A 89 -5.97 -10.66 21.58
CA GLN A 89 -7.18 -10.89 20.82
C GLN A 89 -8.24 -9.85 21.15
N HIS A 90 -8.92 -9.35 20.12
CA HIS A 90 -10.03 -8.42 20.26
C HIS A 90 -11.12 -8.80 19.29
N LYS A 91 -12.37 -8.58 19.69
CA LYS A 91 -13.51 -8.81 18.80
C LYS A 91 -13.31 -8.02 17.51
N THR A 92 -13.60 -8.67 16.39
CA THR A 92 -13.11 -8.24 15.09
C THR A 92 -14.26 -7.99 14.12
N SER A 93 -14.30 -6.80 13.52
CA SER A 93 -15.23 -6.54 12.42
C SER A 93 -14.76 -7.22 11.15
N SER A 94 -13.48 -7.06 10.79
CA SER A 94 -13.04 -7.53 9.49
C SER A 94 -11.52 -7.53 9.40
N TRP A 95 -11.04 -8.23 8.38
CA TRP A 95 -9.67 -8.16 7.86
C TRP A 95 -9.79 -7.72 6.42
N GLU A 96 -9.02 -6.71 6.02
CA GLU A 96 -9.14 -6.23 4.65
C GLU A 96 -7.79 -5.75 4.14
N TYR A 97 -7.66 -5.69 2.82
CA TYR A 97 -6.38 -5.46 2.17
C TYR A 97 -6.55 -4.51 0.99
N PHE A 98 -5.71 -3.48 0.95
CA PHE A 98 -5.62 -2.52 -0.14
C PHE A 98 -4.28 -2.70 -0.83
N ILE A 99 -4.18 -2.30 -2.10
CA ILE A 99 -2.90 -2.32 -2.77
C ILE A 99 -2.69 -1.00 -3.50
N THR A 100 -1.42 -0.63 -3.67
CA THR A 100 -1.09 0.57 -4.42
C THR A 100 -1.63 0.47 -5.84
N LYS A 101 -1.97 1.63 -6.41
CA LYS A 101 -2.46 1.69 -7.78
C LYS A 101 -1.38 1.28 -8.76
N LEU A 102 -1.80 0.75 -9.90
CA LEU A 102 -0.91 0.64 -11.05
C LEU A 102 -0.49 2.04 -11.44
N GLY A 103 0.83 2.25 -11.53
CA GLY A 103 1.33 3.57 -11.81
C GLY A 103 1.53 4.47 -10.62
N TRP A 104 1.43 3.94 -9.39
CA TRP A 104 1.80 4.75 -8.23
C TRP A 104 3.29 5.11 -8.30
N ASP A 105 3.69 6.03 -7.43
CA ASP A 105 5.05 6.55 -7.44
C ASP A 105 5.79 6.05 -6.21
N PRO A 106 6.71 5.09 -6.36
CA PRO A 106 7.38 4.49 -5.19
C PRO A 106 8.34 5.43 -4.49
N ASN A 107 8.55 6.64 -5.01
CA ASN A 107 9.45 7.62 -4.42
C ASN A 107 8.70 8.80 -3.85
N LYS A 108 7.39 8.67 -3.63
CA LYS A 108 6.54 9.68 -3.03
C LYS A 108 5.78 9.07 -1.87
N PRO A 109 5.33 9.88 -0.91
CA PRO A 109 4.67 9.33 0.27
C PRO A 109 3.42 8.53 -0.08
N LEU A 110 3.13 7.55 0.78
CA LEU A 110 1.89 6.80 0.69
C LEU A 110 0.73 7.68 1.09
N THR A 111 -0.28 7.74 0.23
CA THR A 111 -1.45 8.57 0.41
C THR A 111 -2.65 7.80 -0.11
N ARG A 112 -3.84 8.38 0.06
CA ARG A 112 -5.03 7.74 -0.50
C ARG A 112 -4.99 7.73 -2.02
N GLU A 113 -4.41 8.77 -2.61
CA GLU A 113 -4.27 8.81 -4.06
C GLU A 113 -3.32 7.71 -4.56
N GLN A 114 -2.36 7.29 -3.72
CA GLN A 114 -1.43 6.24 -4.12
C GLN A 114 -2.04 4.85 -4.05
N PHE A 115 -3.14 4.69 -3.31
CA PHE A 115 -3.79 3.40 -3.10
C PHE A 115 -5.08 3.30 -3.91
N ASN A 116 -5.42 2.10 -4.33
N ASN A 116 -5.42 2.10 -4.32
CA ASN A 116 -6.77 1.85 -4.80
CA ASN A 116 -6.78 1.85 -4.78
C ASN A 116 -7.76 2.24 -3.70
C ASN A 116 -7.76 2.24 -3.69
N SER A 117 -8.93 2.76 -4.10
CA SER A 117 -9.85 3.30 -3.11
C SER A 117 -10.60 2.22 -2.35
N THR A 118 -10.74 1.04 -2.91
CA THR A 118 -11.45 -0.02 -2.23
C THR A 118 -10.52 -1.22 -2.05
N PRO A 119 -10.78 -2.08 -1.07
CA PRO A 119 -9.91 -3.22 -0.85
C PRO A 119 -10.04 -4.26 -1.95
N PHE A 120 -8.95 -4.99 -2.21
CA PHE A 120 -9.05 -6.13 -3.11
C PHE A 120 -9.40 -7.42 -2.38
N CYS A 121 -9.45 -7.40 -1.06
CA CYS A 121 -9.75 -8.60 -0.30
C CYS A 121 -10.38 -8.18 1.02
N PHE A 122 -11.46 -8.87 1.41
CA PHE A 122 -12.23 -8.47 2.60
C PHE A 122 -12.84 -9.71 3.22
N GLU A 123 -12.55 -9.93 4.51
CA GLU A 123 -13.13 -11.05 5.25
C GLU A 123 -13.85 -10.51 6.47
N ASP A 124 -15.17 -10.72 6.50
CA ASP A 124 -16.02 -10.26 7.59
C ASP A 124 -15.97 -11.28 8.73
N TYR A 125 -15.63 -10.82 9.94
CA TYR A 125 -15.58 -11.69 11.10
C TYR A 125 -16.78 -11.54 12.03
N GLN A 126 -17.70 -10.62 11.71
CA GLN A 126 -18.99 -10.54 12.38
C GLN A 126 -18.85 -10.35 13.88
N GLU A 127 -17.80 -9.63 14.29
CA GLU A 127 -17.55 -9.21 15.67
C GLU A 127 -17.11 -10.35 16.58
N LYS A 128 -16.71 -11.47 15.99
CA LYS A 128 -16.26 -12.63 16.73
C LYS A 128 -14.82 -12.45 17.22
N MET A 129 -14.50 -13.17 18.28
CA MET A 129 -13.15 -13.16 18.85
C MET A 129 -12.25 -14.03 18.00
N PRO A 130 -11.15 -13.50 17.45
CA PRO A 130 -10.28 -14.31 16.60
C PRO A 130 -9.39 -15.22 17.43
N SER A 131 -8.89 -16.26 16.77
CA SER A 131 -7.84 -17.06 17.38
C SER A 131 -6.54 -16.24 17.43
N SER A 132 -5.49 -16.84 17.97
CA SER A 132 -4.24 -16.11 18.18
C SER A 132 -3.38 -16.03 16.92
N ARG A 133 -3.71 -16.80 15.88
CA ARG A 133 -3.10 -16.68 14.58
C ARG A 133 -4.20 -16.78 13.54
N VAL A 134 -4.21 -15.87 12.58
CA VAL A 134 -5.31 -15.74 11.63
C VAL A 134 -4.74 -15.73 10.22
N ILE A 135 -5.38 -16.46 9.30
CA ILE A 135 -4.99 -16.47 7.91
C ILE A 135 -6.16 -16.00 7.04
N ASN A 136 -5.90 -15.02 6.17
CA ASN A 136 -6.89 -14.54 5.21
C ASN A 136 -6.45 -14.92 3.81
N LYS A 137 -7.31 -15.64 3.08
CA LYS A 137 -7.03 -16.04 1.72
C LYS A 137 -7.58 -15.00 0.75
N CYS A 138 -6.73 -14.56 -0.18
CA CYS A 138 -7.04 -13.45 -1.07
C CYS A 138 -6.57 -13.74 -2.49
N THR A 139 -6.94 -12.86 -3.40
CA THR A 139 -6.48 -12.90 -4.78
C THR A 139 -6.10 -11.49 -5.19
N LEU A 140 -4.89 -11.32 -5.74
CA LEU A 140 -4.44 -10.02 -6.20
C LEU A 140 -5.23 -9.59 -7.44
N PRO A 141 -5.37 -8.27 -7.67
CA PRO A 141 -6.05 -7.82 -8.88
C PRO A 141 -5.22 -8.18 -10.11
N GLU A 142 -5.89 -8.21 -11.25
CA GLU A 142 -5.20 -8.60 -12.47
C GLU A 142 -4.24 -7.51 -12.92
N GLY A 143 -3.19 -7.92 -13.63
CA GLY A 143 -2.29 -6.98 -14.24
C GLY A 143 -1.25 -6.40 -13.32
N TYR A 144 -1.05 -6.97 -12.15
CA TYR A 144 -0.08 -6.41 -11.22
C TYR A 144 1.28 -7.05 -11.38
N GLN A 145 2.31 -6.21 -11.33
CA GLN A 145 3.68 -6.64 -11.30
C GLN A 145 4.52 -5.51 -10.75
N GLY A 146 5.71 -5.85 -10.32
CA GLY A 146 6.66 -4.84 -9.87
C GLY A 146 6.50 -4.55 -8.39
N TYR A 147 7.08 -3.43 -7.98
CA TYR A 147 7.07 -3.03 -6.58
C TYR A 147 5.71 -2.42 -6.23
N HIS A 148 5.03 -3.01 -5.24
CA HIS A 148 3.75 -2.53 -4.75
C HIS A 148 3.71 -2.67 -3.24
N VAL A 149 2.91 -1.82 -2.60
CA VAL A 149 2.70 -1.86 -1.16
C VAL A 149 1.28 -2.31 -0.91
N ILE A 150 1.12 -3.29 -0.01
CA ILE A 150 -0.18 -3.79 0.39
C ILE A 150 -0.44 -3.27 1.80
N LEU A 151 -1.64 -2.72 2.03
CA LEU A 151 -2.06 -2.27 3.34
C LEU A 151 -3.05 -3.26 3.94
N GLY A 152 -2.62 -3.95 5.00
CA GLY A 152 -3.51 -4.80 5.74
C GLY A 152 -4.16 -4.02 6.86
N VAL A 153 -5.48 -4.20 7.02
CA VAL A 153 -6.24 -3.49 8.05
C VAL A 153 -7.05 -4.50 8.85
N TRP A 154 -6.83 -4.51 10.15
CA TRP A 154 -7.57 -5.33 11.09
C TRP A 154 -8.44 -4.39 11.90
N THR A 155 -9.76 -4.43 11.65
CA THR A 155 -10.70 -3.49 12.23
C THR A 155 -11.33 -4.12 13.48
N ILE A 156 -11.22 -3.41 14.61
CA ILE A 156 -11.71 -3.90 15.90
C ILE A 156 -13.16 -3.48 16.08
N SER A 157 -14.02 -4.43 16.44
CA SER A 157 -15.45 -4.16 16.45
C SER A 157 -15.92 -3.40 17.69
N ASP A 158 -15.23 -3.55 18.83
CA ASP A 158 -15.72 -2.96 20.07
C ASP A 158 -14.88 -1.75 20.52
N THR A 159 -14.02 -1.22 19.63
CA THR A 159 -13.38 0.08 19.83
C THR A 159 -13.55 0.91 18.57
N LEU A 160 -12.97 2.11 18.61
CA LEU A 160 -12.96 3.03 17.47
C LEU A 160 -11.82 2.76 16.50
N ASN A 161 -11.00 1.75 16.76
CA ASN A 161 -9.68 1.66 16.14
C ASN A 161 -9.53 0.45 15.21
N ALA A 162 -8.37 0.44 14.55
CA ALA A 162 -7.93 -0.65 13.68
C ALA A 162 -6.41 -0.71 13.72
N PHE A 163 -5.86 -1.84 13.29
CA PHE A 163 -4.41 -1.98 13.21
C PHE A 163 -3.97 -1.96 11.75
N TYR A 164 -2.87 -1.25 11.47
CA TYR A 164 -2.49 -0.93 10.10
C TYR A 164 -1.12 -1.52 9.79
N GLN A 165 -1.05 -2.36 8.74
CA GLN A 165 0.18 -3.08 8.41
C GLN A 165 0.48 -2.96 6.91
N VAL A 166 1.42 -2.06 6.54
CA VAL A 166 1.90 -2.03 5.16
C VAL A 166 2.93 -3.14 4.94
N ILE A 167 2.92 -3.68 3.72
CA ILE A 167 3.78 -4.78 3.29
C ILE A 167 4.43 -4.38 1.97
N ASP A 168 5.75 -4.49 1.88
CA ASP A 168 6.46 -4.21 0.65
C ASP A 168 6.64 -5.49 -0.14
N THR A 169 6.28 -5.46 -1.42
CA THR A 169 6.29 -6.66 -2.24
C THR A 169 6.90 -6.35 -3.60
N THR A 170 7.56 -7.36 -4.17
CA THR A 170 7.95 -7.39 -5.58
C THR A 170 7.11 -8.46 -6.24
N ILE A 171 6.17 -8.05 -7.11
CA ILE A 171 5.19 -8.96 -7.70
C ILE A 171 5.64 -9.41 -9.10
N SER A 172 5.82 -10.74 -9.27
N SER A 172 5.80 -10.75 -9.27
CA SER A 172 6.07 -11.13 -10.64
CA SER A 172 6.06 -11.23 -10.62
C SER A 172 4.77 -11.52 -11.32
C SER A 172 4.75 -11.52 -11.33
N PRO A 173 4.67 -11.27 -12.63
CA PRO A 173 3.43 -11.55 -13.36
C PRO A 173 2.95 -12.97 -13.15
N ALA A 174 1.64 -13.14 -13.04
CA ALA A 174 1.03 -14.44 -12.81
C ALA A 174 1.58 -15.49 -13.76
N HIS B 1 -33.42 -13.21 -16.08
CA HIS B 1 -32.04 -12.97 -15.62
C HIS B 1 -31.50 -11.69 -16.19
N GLY B 2 -30.92 -10.87 -15.31
CA GLY B 2 -30.34 -9.62 -15.76
C GLY B 2 -29.80 -8.85 -14.59
N TYR B 3 -29.18 -7.71 -14.92
CA TYR B 3 -28.52 -6.90 -13.91
C TYR B 3 -28.53 -5.45 -14.36
N ILE B 4 -28.30 -4.56 -13.41
CA ILE B 4 -28.24 -3.13 -13.69
C ILE B 4 -26.78 -2.76 -13.94
N ASP B 5 -26.47 -2.24 -15.12
CA ASP B 5 -25.09 -1.86 -15.41
C ASP B 5 -24.90 -0.35 -15.53
N SER B 6 -25.93 0.43 -15.25
CA SER B 6 -25.82 1.90 -15.23
C SER B 6 -26.93 2.47 -14.35
N PRO B 7 -26.57 3.09 -13.21
CA PRO B 7 -25.27 3.07 -12.54
C PRO B 7 -24.90 1.64 -12.22
N GLY B 8 -23.64 1.23 -12.44
CA GLY B 8 -23.33 -0.18 -12.31
C GLY B 8 -23.62 -0.74 -10.94
N SER B 9 -24.30 -1.89 -10.89
CA SER B 9 -24.66 -2.48 -9.61
C SER B 9 -23.43 -3.09 -8.94
N ARG B 10 -23.60 -3.43 -7.66
CA ARG B 10 -22.51 -4.02 -6.90
C ARG B 10 -22.07 -5.34 -7.52
N ALA B 11 -23.04 -6.20 -7.86
CA ALA B 11 -22.72 -7.47 -8.52
C ALA B 11 -22.16 -7.26 -9.92
N PHE B 12 -22.72 -6.32 -10.68
CA PHE B 12 -22.17 -6.03 -12.01
C PHE B 12 -20.70 -5.66 -11.93
N LEU B 13 -20.34 -4.80 -10.97
CA LEU B 13 -18.95 -4.36 -10.85
C LEU B 13 -18.01 -5.48 -10.43
N CYS B 14 -18.55 -6.57 -9.88
CA CYS B 14 -17.73 -7.75 -9.58
C CYS B 14 -17.35 -8.51 -10.84
N SER B 15 -18.13 -8.39 -11.91
CA SER B 15 -18.00 -9.24 -13.08
C SER B 15 -16.95 -8.70 -14.04
N ALA B 16 -16.52 -9.57 -14.96
CA ALA B 16 -15.57 -9.15 -15.99
C ALA B 16 -16.12 -8.00 -16.82
N GLN B 17 -17.41 -8.06 -17.17
CA GLN B 17 -17.96 -6.99 -17.98
C GLN B 17 -18.09 -5.68 -17.21
N GLY B 18 -18.08 -5.74 -15.88
CA GLY B 18 -17.98 -4.61 -14.98
C GLY B 18 -16.57 -4.18 -14.65
N ASN B 19 -15.56 -4.83 -15.26
CA ASN B 19 -14.15 -4.53 -15.11
C ASN B 19 -13.61 -4.81 -13.72
N GLU B 20 -14.27 -5.70 -12.97
N GLU B 20 -14.27 -5.69 -12.96
CA GLU B 20 -13.79 -6.14 -11.66
CA GLU B 20 -13.79 -6.14 -11.65
C GLU B 20 -13.48 -4.96 -10.73
C GLU B 20 -13.49 -4.96 -10.72
N GLN B 21 -14.35 -3.95 -10.76
CA GLN B 21 -14.16 -2.78 -9.89
C GLN B 21 -14.46 -3.12 -8.44
N ASN B 22 -15.31 -4.12 -8.20
CA ASN B 22 -15.36 -4.82 -6.92
C ASN B 22 -14.62 -6.13 -7.06
N MET B 23 -13.89 -6.50 -6.01
N MET B 23 -13.89 -6.51 -6.01
CA MET B 23 -13.19 -7.77 -5.94
CA MET B 23 -13.20 -7.78 -5.95
C MET B 23 -13.62 -8.53 -4.70
C MET B 23 -13.61 -8.53 -4.69
N ASP B 24 -13.14 -9.78 -4.61
CA ASP B 24 -13.43 -10.69 -3.50
C ASP B 24 -14.93 -10.87 -3.33
N CYS B 25 -15.64 -11.02 -4.45
CA CYS B 25 -17.08 -11.18 -4.45
C CYS B 25 -17.50 -12.66 -4.47
N GLY B 26 -16.56 -13.58 -4.65
CA GLY B 26 -16.93 -14.97 -4.77
C GLY B 26 -17.61 -15.27 -6.09
N LEU B 27 -18.49 -16.28 -6.06
CA LEU B 27 -19.05 -16.86 -7.28
C LEU B 27 -19.92 -15.88 -8.06
N VAL B 28 -20.52 -14.89 -7.41
CA VAL B 28 -21.39 -13.96 -8.12
C VAL B 28 -20.61 -13.22 -9.22
N LYS B 29 -19.27 -13.18 -9.14
CA LYS B 29 -18.48 -12.58 -10.20
C LYS B 29 -18.83 -13.15 -11.57
N TYR B 30 -19.19 -14.43 -11.62
CA TYR B 30 -19.47 -15.12 -12.88
C TYR B 30 -20.94 -15.07 -13.28
N GLU B 31 -21.83 -14.63 -12.40
CA GLU B 31 -23.27 -14.65 -12.70
C GLU B 31 -23.97 -13.46 -12.05
N PRO B 32 -23.57 -12.24 -12.41
CA PRO B 32 -24.24 -11.06 -11.85
C PRO B 32 -25.71 -10.97 -12.22
N GLN B 33 -26.14 -11.71 -13.24
CA GLN B 33 -27.51 -11.72 -13.73
C GLN B 33 -28.43 -12.66 -12.96
N SER B 34 -27.95 -13.31 -11.90
CA SER B 34 -28.66 -14.43 -11.30
C SER B 34 -29.06 -14.20 -9.84
N LEU B 35 -29.19 -12.94 -9.41
CA LEU B 35 -29.58 -12.65 -8.03
C LEU B 35 -31.11 -12.71 -7.93
N GLU B 36 -31.60 -13.95 -8.02
CA GLU B 36 -33.02 -14.26 -8.10
C GLU B 36 -33.53 -14.78 -6.75
N ALA B 37 -34.61 -14.18 -6.27
CA ALA B 37 -35.23 -14.62 -5.03
C ALA B 37 -36.73 -14.35 -5.13
N LYS B 38 -37.45 -14.63 -4.05
CA LYS B 38 -38.88 -14.38 -4.03
C LYS B 38 -39.18 -12.89 -4.18
N LYS B 39 -40.28 -12.58 -4.86
CA LYS B 39 -40.72 -11.20 -5.06
C LYS B 39 -41.35 -10.65 -3.78
N GLY B 40 -41.72 -9.37 -3.82
CA GLY B 40 -42.52 -8.81 -2.75
C GLY B 40 -41.77 -8.15 -1.61
N PHE B 41 -40.49 -7.87 -1.76
CA PHE B 41 -39.79 -7.05 -0.79
C PHE B 41 -40.52 -5.71 -0.63
N PRO B 42 -40.67 -5.21 0.61
CA PRO B 42 -40.17 -5.79 1.87
C PRO B 42 -41.12 -6.72 2.63
N GLN B 43 -42.34 -6.91 2.15
CA GLN B 43 -43.27 -7.78 2.86
C GLN B 43 -42.82 -9.24 2.82
N ALA B 44 -42.06 -9.60 1.79
CA ALA B 44 -41.46 -10.93 1.66
C ALA B 44 -40.08 -10.71 1.03
N GLY B 45 -39.55 -11.75 0.38
CA GLY B 45 -38.28 -11.65 -0.30
C GLY B 45 -37.08 -11.87 0.61
N PRO B 46 -35.90 -11.51 0.12
CA PRO B 46 -34.65 -11.85 0.84
C PRO B 46 -34.63 -11.38 2.29
N GLU B 47 -34.06 -12.22 3.14
N GLU B 47 -34.11 -12.22 3.17
CA GLU B 47 -33.96 -11.96 4.57
CA GLU B 47 -34.14 -11.87 4.57
C GLU B 47 -33.12 -10.72 4.86
C GLU B 47 -33.13 -10.77 4.90
N ASP B 48 -33.42 -10.06 6.00
CA ASP B 48 -32.55 -9.00 6.51
C ASP B 48 -31.12 -9.50 6.64
N GLY B 49 -30.17 -8.62 6.38
CA GLY B 49 -28.77 -9.01 6.36
C GLY B 49 -28.33 -9.77 5.12
N HIS B 50 -29.27 -10.16 4.26
CA HIS B 50 -28.95 -10.91 3.05
C HIS B 50 -29.71 -10.38 1.85
N ILE B 51 -29.96 -9.07 1.81
CA ILE B 51 -30.65 -8.46 0.70
C ILE B 51 -29.75 -8.37 -0.53
N ALA B 52 -28.51 -7.92 -0.33
CA ALA B 52 -27.58 -7.75 -1.44
C ALA B 52 -27.31 -9.06 -2.16
N SER B 53 -27.26 -10.17 -1.44
CA SER B 53 -27.02 -11.47 -2.05
C SER B 53 -28.31 -12.16 -2.46
N ALA B 54 -29.45 -11.50 -2.30
CA ALA B 54 -30.75 -12.06 -2.63
C ALA B 54 -31.01 -13.36 -1.86
N GLY B 55 -30.44 -13.48 -0.67
CA GLY B 55 -30.61 -14.67 0.15
C GLY B 55 -29.89 -15.90 -0.36
N ILE B 56 -28.99 -15.74 -1.34
CA ILE B 56 -28.30 -16.87 -1.97
C ILE B 56 -26.95 -17.04 -1.25
N GLY B 57 -26.79 -18.20 -0.59
CA GLY B 57 -25.62 -18.42 0.23
C GLY B 57 -24.30 -18.24 -0.50
N HIS B 58 -24.18 -18.80 -1.71
CA HIS B 58 -22.88 -18.69 -2.37
C HIS B 58 -22.67 -17.32 -3.04
N PHE B 59 -23.56 -16.36 -2.83
CA PHE B 59 -23.33 -14.96 -3.15
C PHE B 59 -23.16 -14.11 -1.89
N GLY B 60 -22.92 -14.75 -0.75
CA GLY B 60 -22.93 -14.06 0.54
C GLY B 60 -21.88 -12.99 0.68
N ALA B 61 -20.81 -13.02 -0.12
CA ALA B 61 -19.80 -11.97 0.01
C ALA B 61 -20.39 -10.58 -0.24
N LEU B 62 -21.52 -10.49 -0.95
CA LEU B 62 -22.16 -9.21 -1.23
C LEU B 62 -22.79 -8.60 0.02
N ASP B 63 -23.01 -9.39 1.06
CA ASP B 63 -23.69 -8.89 2.24
C ASP B 63 -22.78 -8.11 3.18
N ALA B 64 -21.47 -8.11 2.94
CA ALA B 64 -20.61 -7.20 3.69
C ALA B 64 -21.10 -5.76 3.56
N GLN B 65 -20.95 -4.99 4.63
CA GLN B 65 -21.40 -3.58 4.58
C GLN B 65 -20.53 -2.72 5.50
N THR B 66 -19.61 -1.98 4.88
CA THR B 66 -18.86 -0.89 5.49
C THR B 66 -18.81 0.25 4.50
N GLU B 67 -18.45 1.43 4.98
CA GLU B 67 -18.28 2.54 4.07
C GLU B 67 -17.11 2.33 3.11
N ASP B 68 -16.11 1.54 3.48
CA ASP B 68 -14.94 1.34 2.65
C ASP B 68 -15.09 0.22 1.62
N ARG B 69 -16.07 -0.68 1.79
CA ARG B 69 -16.01 -1.97 1.13
C ARG B 69 -16.22 -1.89 -0.39
N TRP B 70 -17.21 -1.12 -0.86
CA TRP B 70 -17.70 -1.25 -2.23
C TRP B 70 -17.39 -0.01 -3.06
N LYS B 71 -17.11 -0.24 -4.34
CA LYS B 71 -16.94 0.87 -5.27
C LYS B 71 -18.26 1.61 -5.42
N LYS B 72 -18.22 2.93 -5.36
CA LYS B 72 -19.41 3.77 -5.40
C LYS B 72 -19.48 4.48 -6.75
N ILE B 73 -20.66 4.48 -7.36
CA ILE B 73 -20.88 5.19 -8.61
C ILE B 73 -21.27 6.63 -8.27
N PRO B 74 -20.57 7.63 -8.78
CA PRO B 74 -20.98 9.02 -8.55
C PRO B 74 -22.21 9.35 -9.37
N ILE B 75 -23.23 9.89 -8.70
N ILE B 75 -23.26 9.85 -8.70
CA ILE B 75 -24.50 10.23 -9.32
CA ILE B 75 -24.48 10.26 -9.38
C ILE B 75 -24.93 11.61 -8.81
C ILE B 75 -24.90 11.61 -8.83
N THR B 76 -25.55 12.40 -9.68
CA THR B 76 -26.19 13.63 -9.26
C THR B 76 -27.63 13.34 -8.87
N ALA B 77 -28.08 13.96 -7.79
CA ALA B 77 -29.44 13.72 -7.33
C ALA B 77 -30.42 14.26 -8.37
N GLY B 78 -31.68 14.28 -8.02
CA GLY B 78 -32.69 14.60 -9.00
C GLY B 78 -32.91 13.42 -9.92
N GLU B 79 -32.98 13.68 -11.21
CA GLU B 79 -33.32 12.64 -12.17
C GLU B 79 -32.17 11.62 -12.28
N ILE B 80 -32.53 10.34 -12.33
CA ILE B 80 -31.57 9.24 -12.47
C ILE B 80 -32.20 8.17 -13.34
N GLU B 81 -31.41 7.60 -14.23
CA GLU B 81 -31.86 6.54 -15.11
C GLU B 81 -31.11 5.25 -14.77
N PHE B 82 -31.85 4.15 -14.78
CA PHE B 82 -31.30 2.83 -14.50
C PHE B 82 -31.43 1.98 -15.75
N GLN B 83 -30.32 1.41 -16.22
N GLN B 83 -30.32 1.38 -16.18
CA GLN B 83 -30.40 0.49 -17.35
CA GLN B 83 -30.30 0.49 -17.33
C GLN B 83 -30.20 -0.93 -16.85
C GLN B 83 -30.18 -0.95 -16.86
N TRP B 84 -31.14 -1.79 -17.22
CA TRP B 84 -31.06 -3.22 -16.99
C TRP B 84 -30.58 -3.89 -18.27
N GLU B 85 -29.56 -4.72 -18.15
CA GLU B 85 -29.15 -5.63 -19.22
C GLU B 85 -29.91 -6.92 -19.00
N ILE B 86 -30.78 -7.27 -19.93
CA ILE B 86 -31.68 -8.40 -19.75
C ILE B 86 -31.13 -9.56 -20.57
N MET B 87 -30.46 -10.49 -19.90
CA MET B 87 -29.88 -11.61 -20.64
C MET B 87 -30.94 -12.62 -21.03
N ILE B 88 -31.92 -12.83 -20.17
CA ILE B 88 -33.05 -13.72 -20.44
C ILE B 88 -34.32 -12.94 -20.10
N GLN B 89 -35.13 -12.66 -21.12
CA GLN B 89 -36.33 -11.85 -20.95
C GLN B 89 -37.46 -12.65 -20.33
N HIS B 90 -38.18 -12.02 -19.41
CA HIS B 90 -39.35 -12.64 -18.79
C HIS B 90 -40.46 -11.59 -18.75
N LYS B 91 -41.71 -12.06 -18.87
CA LYS B 91 -42.85 -11.19 -18.62
C LYS B 91 -42.71 -10.53 -17.26
N THR B 92 -42.95 -9.22 -17.22
CA THR B 92 -42.51 -8.34 -16.14
C THR B 92 -43.70 -7.64 -15.51
N SER B 93 -43.87 -7.81 -14.18
CA SER B 93 -44.84 -7.00 -13.45
C SER B 93 -44.38 -5.54 -13.34
N SER B 94 -43.15 -5.33 -12.87
CA SER B 94 -42.72 -3.97 -12.57
C SER B 94 -41.20 -3.90 -12.45
N TRP B 95 -40.70 -2.66 -12.53
CA TRP B 95 -39.36 -2.26 -12.12
C TRP B 95 -39.51 -1.24 -11.00
N GLU B 96 -38.80 -1.43 -9.88
CA GLU B 96 -38.95 -0.48 -8.78
C GLU B 96 -37.65 -0.32 -8.03
N TYR B 97 -37.54 0.80 -7.31
CA TYR B 97 -36.28 1.18 -6.68
C TYR B 97 -36.54 1.68 -5.26
N PHE B 98 -35.81 1.13 -4.31
CA PHE B 98 -35.77 1.59 -2.93
C PHE B 98 -34.42 2.24 -2.68
N ILE B 99 -34.36 3.14 -1.70
CA ILE B 99 -33.09 3.72 -1.32
C ILE B 99 -32.95 3.67 0.19
N THR B 100 -31.71 3.62 0.65
CA THR B 100 -31.43 3.65 2.08
C THR B 100 -32.00 4.91 2.71
N LYS B 101 -32.42 4.79 3.96
CA LYS B 101 -33.02 5.95 4.57
C LYS B 101 -31.96 7.01 4.87
N LEU B 102 -32.42 8.24 5.02
CA LEU B 102 -31.55 9.29 5.56
C LEU B 102 -31.17 8.90 6.98
N GLY B 103 -29.87 8.95 7.27
CA GLY B 103 -29.39 8.51 8.56
C GLY B 103 -29.12 7.02 8.68
N TRP B 104 -29.14 6.28 7.58
CA TRP B 104 -28.80 4.87 7.67
C TRP B 104 -27.34 4.69 8.10
N ASP B 105 -27.01 3.47 8.50
CA ASP B 105 -25.66 3.18 8.98
C ASP B 105 -24.91 2.39 7.93
N PRO B 106 -23.93 2.96 7.25
CA PRO B 106 -23.24 2.25 6.17
C PRO B 106 -22.24 1.21 6.65
N ASN B 107 -22.09 1.06 7.97
CA ASN B 107 -21.23 0.05 8.56
C ASN B 107 -22.01 -1.04 9.28
N LYS B 108 -23.32 -1.16 9.01
CA LYS B 108 -24.15 -2.23 9.53
C LYS B 108 -24.89 -2.89 8.38
N PRO B 109 -25.28 -4.15 8.56
CA PRO B 109 -25.89 -4.91 7.46
C PRO B 109 -27.13 -4.23 6.89
N LEU B 110 -27.34 -4.45 5.59
CA LEU B 110 -28.55 -3.97 4.95
C LEU B 110 -29.76 -4.76 5.46
N THR B 111 -30.80 -4.03 5.88
CA THR B 111 -32.03 -4.59 6.44
C THR B 111 -33.20 -3.74 5.95
N ARG B 112 -34.41 -4.25 6.17
CA ARG B 112 -35.59 -3.45 5.89
C ARG B 112 -35.56 -2.13 6.68
N GLU B 113 -35.05 -2.18 7.92
CA GLU B 113 -34.98 -0.96 8.72
C GLU B 113 -34.01 0.06 8.12
N GLN B 114 -32.98 -0.40 7.43
CA GLN B 114 -32.02 0.49 6.80
C GLN B 114 -32.55 1.15 5.52
N PHE B 115 -33.61 0.60 4.93
CA PHE B 115 -34.19 1.15 3.70
C PHE B 115 -35.48 1.90 4.00
N ASN B 116 -35.83 2.83 3.12
CA ASN B 116 -37.20 3.34 3.16
C ASN B 116 -38.16 2.22 2.82
N SER B 117 -39.38 2.31 3.35
CA SER B 117 -40.27 1.15 3.31
C SER B 117 -41.01 1.02 2.00
N THR B 118 -41.08 2.08 1.21
CA THR B 118 -41.75 2.06 -0.08
C THR B 118 -40.77 2.55 -1.13
N PRO B 119 -40.97 2.17 -2.39
CA PRO B 119 -40.06 2.61 -3.45
C PRO B 119 -40.19 4.10 -3.73
N PHE B 120 -39.06 4.72 -4.12
CA PHE B 120 -39.09 6.09 -4.63
C PHE B 120 -39.37 6.14 -6.12
N CYS B 121 -39.39 4.99 -6.79
CA CYS B 121 -39.56 4.93 -8.24
C CYS B 121 -40.24 3.61 -8.55
N PHE B 122 -41.31 3.66 -9.35
CA PHE B 122 -42.08 2.47 -9.66
C PHE B 122 -42.58 2.56 -11.09
N GLU B 123 -42.36 1.52 -11.87
CA GLU B 123 -42.81 1.45 -13.27
C GLU B 123 -43.58 0.16 -13.48
N ASP B 124 -44.88 0.27 -13.69
CA ASP B 124 -45.72 -0.87 -14.00
C ASP B 124 -45.49 -1.28 -15.44
N TYR B 125 -45.13 -2.53 -15.66
CA TYR B 125 -44.89 -3.02 -17.02
C TYR B 125 -46.04 -3.84 -17.56
N GLN B 126 -47.07 -4.10 -16.76
CA GLN B 126 -48.32 -4.72 -17.21
C GLN B 126 -48.09 -6.11 -17.82
N GLU B 127 -47.11 -6.83 -17.28
CA GLU B 127 -46.79 -8.20 -17.66
C GLU B 127 -46.27 -8.31 -19.10
N LYS B 128 -45.87 -7.19 -19.69
CA LYS B 128 -45.29 -7.23 -21.02
C LYS B 128 -43.89 -7.85 -20.99
N MET B 129 -43.44 -8.26 -22.17
CA MET B 129 -42.11 -8.84 -22.35
C MET B 129 -41.13 -7.72 -22.63
N PRO B 130 -40.08 -7.57 -21.85
CA PRO B 130 -39.13 -6.47 -22.06
C PRO B 130 -38.15 -6.78 -23.17
N SER B 131 -37.52 -5.73 -23.67
N SER B 131 -37.52 -5.73 -23.68
CA SER B 131 -36.43 -5.87 -24.62
CA SER B 131 -36.43 -5.88 -24.62
C SER B 131 -35.17 -6.36 -23.89
C SER B 131 -35.17 -6.36 -23.89
N SER B 132 -34.11 -6.59 -24.66
CA SER B 132 -32.83 -7.02 -24.10
C SER B 132 -32.18 -5.96 -23.23
N ARG B 133 -32.63 -4.70 -23.35
CA ARG B 133 -32.20 -3.61 -22.48
C ARG B 133 -33.44 -2.78 -22.14
N VAL B 134 -33.51 -2.34 -20.89
CA VAL B 134 -34.62 -1.55 -20.36
C VAL B 134 -34.03 -0.37 -19.62
N ILE B 135 -34.63 0.82 -19.80
CA ILE B 135 -34.26 1.99 -19.03
C ILE B 135 -35.47 2.42 -18.20
N ASN B 136 -35.25 2.64 -16.92
CA ASN B 136 -36.27 3.20 -16.02
C ASN B 136 -35.86 4.62 -15.64
N LYS B 137 -36.77 5.56 -15.84
CA LYS B 137 -36.54 6.96 -15.48
C LYS B 137 -37.10 7.22 -14.10
N CYS B 138 -36.32 7.89 -13.26
CA CYS B 138 -36.64 8.05 -11.84
C CYS B 138 -36.12 9.39 -11.35
N THR B 139 -36.57 9.77 -10.14
CA THR B 139 -36.13 10.98 -9.45
C THR B 139 -35.85 10.64 -8.00
N LEU B 140 -34.65 10.98 -7.50
CA LEU B 140 -34.33 10.69 -6.10
C LEU B 140 -35.15 11.57 -5.16
N PRO B 141 -35.42 11.09 -3.94
CA PRO B 141 -36.08 11.95 -2.96
C PRO B 141 -35.19 13.12 -2.57
N GLU B 142 -35.82 14.17 -2.02
CA GLU B 142 -35.08 15.35 -1.62
C GLU B 142 -34.17 15.05 -0.44
N GLY B 143 -33.07 15.80 -0.33
CA GLY B 143 -32.20 15.75 0.83
C GLY B 143 -31.18 14.64 0.83
N TYR B 144 -30.93 13.99 -0.31
CA TYR B 144 -30.01 12.87 -0.39
C TYR B 144 -28.64 13.33 -0.86
N GLN B 145 -27.61 12.89 -0.14
CA GLN B 145 -26.24 13.32 -0.38
C GLN B 145 -25.34 12.24 0.22
N GLY B 146 -24.18 12.05 -0.39
CA GLY B 146 -23.22 11.10 0.15
C GLY B 146 -23.53 9.66 -0.22
N TYR B 147 -23.04 8.74 0.61
CA TYR B 147 -23.09 7.31 0.30
C TYR B 147 -24.47 6.75 0.61
N HIS B 148 -25.10 6.20 -0.41
CA HIS B 148 -26.40 5.55 -0.26
C HIS B 148 -26.42 4.30 -1.10
N VAL B 149 -27.23 3.34 -0.70
CA VAL B 149 -27.41 2.11 -1.47
C VAL B 149 -28.80 2.14 -2.07
N ILE B 150 -28.87 1.94 -3.38
CA ILE B 150 -30.14 1.83 -4.08
C ILE B 150 -30.39 0.35 -4.32
N LEU B 151 -31.63 -0.10 -4.08
CA LEU B 151 -32.02 -1.48 -4.36
C LEU B 151 -32.98 -1.46 -5.53
N GLY B 152 -32.52 -1.90 -6.70
CA GLY B 152 -33.41 -2.12 -7.83
C GLY B 152 -34.02 -3.52 -7.78
N VAL B 153 -35.31 -3.60 -8.10
CA VAL B 153 -36.06 -4.85 -8.06
C VAL B 153 -36.79 -5.03 -9.38
N TRP B 154 -36.51 -6.14 -10.08
CA TRP B 154 -37.21 -6.51 -11.32
C TRP B 154 -38.14 -7.67 -10.98
N THR B 155 -39.45 -7.41 -10.99
CA THR B 155 -40.43 -8.39 -10.54
C THR B 155 -41.02 -9.13 -11.75
N ILE B 156 -40.94 -10.47 -11.71
CA ILE B 156 -41.37 -11.32 -12.81
C ILE B 156 -42.84 -11.66 -12.63
N SER B 157 -43.63 -11.53 -13.68
CA SER B 157 -45.08 -11.67 -13.52
C SER B 157 -45.53 -13.13 -13.48
N ASP B 158 -44.83 -14.03 -14.17
CA ASP B 158 -45.30 -15.40 -14.32
C ASP B 158 -44.48 -16.40 -13.48
N THR B 159 -43.70 -15.92 -12.51
CA THR B 159 -43.05 -16.75 -11.50
C THR B 159 -43.26 -16.11 -10.13
N LEU B 160 -42.71 -16.76 -9.10
CA LEU B 160 -42.74 -16.21 -7.74
C LEU B 160 -41.63 -15.23 -7.47
N ASN B 161 -40.80 -14.91 -8.46
CA ASN B 161 -39.48 -14.36 -8.17
C ASN B 161 -39.30 -12.93 -8.67
N ALA B 162 -38.18 -12.37 -8.22
CA ALA B 162 -37.72 -11.05 -8.61
C ALA B 162 -36.20 -11.11 -8.64
N PHE B 163 -35.60 -10.16 -9.35
CA PHE B 163 -34.15 -10.01 -9.38
C PHE B 163 -33.77 -8.78 -8.59
N TYR B 164 -32.78 -8.93 -7.70
CA TYR B 164 -32.44 -7.94 -6.71
C TYR B 164 -31.04 -7.40 -7.02
N GLN B 165 -30.93 -6.08 -7.15
CA GLN B 165 -29.68 -5.43 -7.60
C GLN B 165 -29.41 -4.24 -6.69
N VAL B 166 -28.54 -4.41 -5.69
CA VAL B 166 -28.11 -3.25 -4.91
C VAL B 166 -27.01 -2.52 -5.67
N ILE B 167 -27.01 -1.20 -5.48
CA ILE B 167 -26.13 -0.26 -6.17
C ILE B 167 -25.53 0.66 -5.12
N ASP B 168 -24.21 0.74 -5.07
CA ASP B 168 -23.52 1.68 -4.19
C ASP B 168 -23.31 3.00 -4.91
N THR B 169 -23.74 4.11 -4.30
CA THR B 169 -23.72 5.41 -4.94
C THR B 169 -23.16 6.49 -4.04
N THR B 170 -22.51 7.47 -4.66
CA THR B 170 -22.10 8.70 -3.99
C THR B 170 -22.91 9.81 -4.61
N ILE B 171 -23.88 10.32 -3.87
CA ILE B 171 -24.86 11.23 -4.44
C ILE B 171 -24.41 12.66 -4.18
N SER B 172 -24.27 13.44 -5.26
CA SER B 172 -24.17 14.88 -5.16
C SER B 172 -25.54 15.49 -5.36
N PRO B 173 -25.92 16.44 -4.53
CA PRO B 173 -27.25 17.06 -4.68
C PRO B 173 -27.41 17.68 -6.06
N ALA B 174 -28.64 17.60 -6.57
CA ALA B 174 -28.96 17.92 -7.96
C ALA B 174 -28.60 19.34 -8.33
N HIS C 1 27.15 19.97 -2.98
CA HIS C 1 28.55 19.56 -2.90
C HIS C 1 28.99 19.36 -1.46
N GLY C 2 29.47 18.17 -1.16
CA GLY C 2 29.90 17.87 0.19
C GLY C 2 30.60 16.53 0.26
N TYR C 3 31.22 16.29 1.41
CA TYR C 3 31.94 15.04 1.64
C TYR C 3 31.82 14.70 3.11
N ILE C 4 32.09 13.44 3.42
CA ILE C 4 32.04 12.95 4.79
C ILE C 4 33.44 13.00 5.37
N ASP C 5 33.63 13.72 6.48
CA ASP C 5 34.95 13.78 7.08
C ASP C 5 35.04 13.06 8.42
N SER C 6 33.96 12.42 8.86
CA SER C 6 33.98 11.61 10.08
C SER C 6 32.86 10.56 10.05
N PRO C 7 33.21 9.26 9.96
CA PRO C 7 34.57 8.73 9.74
C PRO C 7 35.06 9.18 8.36
N GLY C 8 36.31 9.61 8.24
CA GLY C 8 36.78 10.22 7.01
C GLY C 8 36.59 9.34 5.80
N SER C 9 35.97 9.89 4.75
CA SER C 9 35.69 9.13 3.55
C SER C 9 36.95 8.93 2.71
N ARG C 10 36.83 7.98 1.78
CA ARG C 10 37.97 7.64 0.94
C ARG C 10 38.46 8.86 0.16
N ALA C 11 37.54 9.63 -0.42
CA ALA C 11 37.91 10.82 -1.16
C ALA C 11 38.44 11.91 -0.24
N PHE C 12 37.81 12.07 0.92
CA PHE C 12 38.29 13.05 1.90
C PHE C 12 39.73 12.76 2.28
N LEU C 13 40.06 11.49 2.53
CA LEU C 13 41.42 11.13 2.91
C LEU C 13 42.41 11.35 1.78
N CYS C 14 41.96 11.48 0.52
CA CYS C 14 42.86 11.87 -0.56
C CYS C 14 43.24 13.33 -0.50
N SER C 15 42.43 14.16 0.14
CA SER C 15 42.55 15.61 0.04
C SER C 15 43.54 16.17 1.05
N ALA C 16 43.87 17.45 0.87
CA ALA C 16 44.78 18.10 1.81
C ALA C 16 44.18 18.16 3.22
N GLN C 17 42.89 18.46 3.32
CA GLN C 17 42.24 18.51 4.64
C GLN C 17 42.14 17.14 5.28
N GLY C 18 42.19 16.08 4.49
CA GLY C 18 42.31 14.76 5.07
C GLY C 18 43.75 14.31 5.28
N ASN C 19 44.71 15.22 5.18
N ASN C 19 44.71 15.22 5.17
CA ASN C 19 46.13 14.91 5.42
CA ASN C 19 46.13 14.93 5.42
C ASN C 19 46.68 13.89 4.43
C ASN C 19 46.69 13.90 4.45
N GLU C 20 46.06 13.75 3.26
N GLU C 20 46.10 13.75 3.26
CA GLU C 20 46.60 12.94 2.17
CA GLU C 20 46.65 12.93 2.18
C GLU C 20 46.98 11.53 2.63
C GLU C 20 47.00 11.53 2.65
N GLN C 21 46.06 10.91 3.38
CA GLN C 21 46.30 9.56 3.89
C GLN C 21 46.09 8.50 2.82
N ASN C 22 45.22 8.76 1.84
CA ASN C 22 45.23 8.02 0.59
C ASN C 22 45.99 8.83 -0.44
N MET C 23 46.79 8.15 -1.27
CA MET C 23 47.55 8.78 -2.34
C MET C 23 47.22 8.17 -3.68
N ASP C 24 47.75 8.79 -4.74
CA ASP C 24 47.54 8.33 -6.11
C ASP C 24 46.06 8.27 -6.46
N CYS C 25 45.33 9.27 -5.99
CA CYS C 25 43.88 9.42 -6.20
C CYS C 25 43.52 10.21 -7.44
N GLY C 26 44.47 10.93 -8.03
CA GLY C 26 44.16 11.78 -9.17
C GLY C 26 43.44 13.05 -8.74
N LEU C 27 42.60 13.55 -9.65
CA LEU C 27 42.00 14.89 -9.49
C LEU C 27 41.11 14.98 -8.26
N VAL C 28 40.55 13.86 -7.79
CA VAL C 28 39.62 13.94 -6.68
C VAL C 28 40.29 14.44 -5.39
N LYS C 29 41.63 14.33 -5.30
CA LYS C 29 42.36 14.97 -4.22
C LYS C 29 41.95 16.42 -4.03
N TYR C 30 41.63 17.11 -5.12
CA TYR C 30 41.27 18.52 -5.04
C TYR C 30 39.77 18.78 -5.02
N GLU C 31 38.94 17.75 -5.25
CA GLU C 31 37.49 17.94 -5.33
C GLU C 31 36.74 16.80 -4.65
N PRO C 32 37.04 16.52 -3.37
CA PRO C 32 36.33 15.42 -2.69
C PRO C 32 34.84 15.67 -2.56
N GLN C 33 34.41 16.93 -2.68
CA GLN C 33 33.01 17.31 -2.55
C GLN C 33 32.20 17.07 -3.82
N SER C 34 32.83 16.60 -4.91
CA SER C 34 32.20 16.65 -6.23
C SER C 34 31.80 15.27 -6.77
N LEU C 35 31.63 14.28 -5.91
CA LEU C 35 31.31 12.93 -6.35
C LEU C 35 29.80 12.82 -6.57
N GLU C 36 29.35 13.40 -7.69
CA GLU C 36 27.92 13.61 -8.00
C GLU C 36 27.50 12.73 -9.17
N ALA C 37 26.40 12.00 -8.99
CA ALA C 37 25.83 11.16 -10.03
C ALA C 37 24.32 11.15 -9.88
N LYS C 38 23.64 10.37 -10.73
CA LYS C 38 22.19 10.25 -10.62
C LYS C 38 21.80 9.60 -9.30
N LYS C 39 20.66 10.03 -8.75
CA LYS C 39 20.16 9.43 -7.52
C LYS C 39 19.56 8.05 -7.80
N GLY C 40 19.21 7.35 -6.71
CA GLY C 40 18.39 6.17 -6.80
C GLY C 40 19.12 4.85 -6.62
N PHE C 41 20.33 4.87 -6.09
CA PHE C 41 21.07 3.65 -5.82
C PHE C 41 20.29 2.78 -4.85
N PRO C 42 20.23 1.46 -5.12
CA PRO C 42 20.89 0.72 -6.20
C PRO C 42 20.05 0.53 -7.46
N GLN C 43 18.80 0.98 -7.46
CA GLN C 43 17.94 0.82 -8.64
C GLN C 43 18.48 1.62 -9.83
N ALA C 44 19.10 2.77 -9.58
CA ALA C 44 19.81 3.51 -10.61
C ALA C 44 21.14 3.98 -10.01
N GLY C 45 21.72 5.02 -10.62
CA GLY C 45 22.92 5.63 -10.12
C GLY C 45 24.17 5.01 -10.70
N PRO C 46 25.32 5.24 -10.04
CA PRO C 46 26.61 4.81 -10.60
C PRO C 46 26.66 3.33 -10.92
N GLU C 47 27.28 3.01 -12.03
CA GLU C 47 27.29 1.60 -12.43
C GLU C 47 28.27 0.79 -11.59
N ASP C 48 28.00 -0.50 -11.53
CA ASP C 48 28.89 -1.46 -10.89
C ASP C 48 30.33 -1.23 -11.33
N GLY C 49 31.25 -1.37 -10.38
CA GLY C 49 32.66 -1.10 -10.62
C GLY C 49 33.03 0.35 -10.66
N HIS C 50 32.05 1.26 -10.60
CA HIS C 50 32.29 2.69 -10.62
C HIS C 50 31.49 3.39 -9.53
N ILE C 51 31.19 2.68 -8.44
CA ILE C 51 30.43 3.30 -7.35
C ILE C 51 31.29 4.33 -6.61
N ALA C 52 32.54 3.98 -6.30
CA ALA C 52 33.37 4.87 -5.50
C ALA C 52 33.65 6.17 -6.23
N SER C 53 33.81 6.12 -7.55
CA SER C 53 34.06 7.31 -8.37
C SER C 53 32.78 8.02 -8.79
N ALA C 54 31.62 7.53 -8.35
CA ALA C 54 30.32 8.07 -8.77
C ALA C 54 30.22 8.11 -10.29
N GLY C 55 30.89 7.17 -10.96
CA GLY C 55 30.86 7.09 -12.40
C GLY C 55 31.56 8.21 -13.13
N ILE C 56 32.37 9.02 -12.46
CA ILE C 56 33.08 10.11 -13.11
C ILE C 56 34.48 9.63 -13.49
N GLY C 57 34.79 9.69 -14.78
CA GLY C 57 36.06 9.15 -15.25
C GLY C 57 37.26 9.77 -14.56
N HIS C 58 37.23 11.09 -14.34
CA HIS C 58 38.36 11.79 -13.72
C HIS C 58 38.67 11.24 -12.33
N PHE C 59 37.70 10.61 -11.68
CA PHE C 59 37.84 10.13 -10.32
C PHE C 59 38.02 8.61 -10.27
N GLY C 60 38.32 7.98 -11.42
CA GLY C 60 38.34 6.53 -11.49
C GLY C 60 39.38 5.85 -10.62
N ALA C 61 40.40 6.58 -10.16
CA ALA C 61 41.37 5.98 -9.23
C ALA C 61 40.67 5.42 -8.00
N LEU C 62 39.54 6.02 -7.59
CA LEU C 62 38.84 5.54 -6.42
C LEU C 62 38.24 4.16 -6.62
N ASP C 63 38.15 3.66 -7.86
CA ASP C 63 37.48 2.39 -8.07
C ASP C 63 38.38 1.18 -7.84
N ALA C 64 39.69 1.38 -7.64
CA ALA C 64 40.54 0.28 -7.23
C ALA C 64 40.03 -0.34 -5.93
N GLN C 65 40.16 -1.67 -5.80
CA GLN C 65 39.61 -2.33 -4.61
C GLN C 65 40.47 -3.54 -4.29
N THR C 66 41.29 -3.39 -3.26
CA THR C 66 42.08 -4.47 -2.66
C THR C 66 42.11 -4.22 -1.15
N GLU C 67 42.54 -5.24 -0.40
CA GLU C 67 42.62 -5.05 1.05
C GLU C 67 43.72 -4.08 1.43
N ASP C 68 44.76 -3.95 0.61
CA ASP C 68 45.87 -3.08 0.92
C ASP C 68 45.67 -1.63 0.48
N ARG C 69 44.70 -1.35 -0.38
CA ARG C 69 44.72 -0.11 -1.17
C ARG C 69 44.45 1.12 -0.32
N TRP C 70 43.44 1.06 0.52
CA TRP C 70 42.87 2.26 1.13
C TRP C 70 43.10 2.29 2.62
N LYS C 71 43.32 3.49 3.14
CA LYS C 71 43.37 3.74 4.57
C LYS C 71 42.01 3.52 5.20
N LYS C 72 41.96 2.79 6.32
CA LYS C 72 40.72 2.39 6.96
C LYS C 72 40.56 3.09 8.30
N ILE C 73 39.35 3.59 8.57
CA ILE C 73 39.03 4.25 9.82
C ILE C 73 38.60 3.17 10.82
N PRO C 74 39.24 3.06 11.98
CA PRO C 74 38.76 2.08 12.96
C PRO C 74 37.48 2.59 13.61
N ILE C 75 36.46 1.73 13.68
CA ILE C 75 35.20 2.08 14.31
C ILE C 75 34.70 0.91 15.14
N THR C 76 33.83 1.21 16.10
CA THR C 76 33.18 0.17 16.91
C THR C 76 31.89 -0.28 16.23
N ALA C 77 31.32 -1.38 16.73
CA ALA C 77 30.33 -2.15 15.97
C ALA C 77 28.88 -1.77 16.21
N GLY C 78 28.60 -0.72 16.98
CA GLY C 78 27.20 -0.41 17.26
C GLY C 78 26.74 0.91 16.67
N GLU C 79 26.44 1.87 17.54
CA GLU C 79 26.09 3.21 17.08
C GLU C 79 27.25 3.82 16.31
N ILE C 80 26.92 4.58 15.26
CA ILE C 80 27.90 5.31 14.48
C ILE C 80 27.29 6.62 14.03
N GLU C 81 28.10 7.68 14.07
CA GLU C 81 27.70 9.00 13.58
C GLU C 81 28.52 9.37 12.36
N PHE C 82 27.84 9.88 11.33
CA PHE C 82 28.46 10.35 10.11
C PHE C 82 28.35 11.86 10.03
N GLN C 83 29.46 12.54 9.70
CA GLN C 83 29.46 13.99 9.59
C GLN C 83 29.83 14.38 8.17
N TRP C 84 28.99 15.21 7.57
CA TRP C 84 29.23 15.81 6.26
C TRP C 84 29.67 17.26 6.42
N GLU C 85 30.67 17.64 5.65
CA GLU C 85 30.93 19.04 5.37
C GLU C 85 30.18 19.40 4.10
N ILE C 86 29.32 20.41 4.18
CA ILE C 86 28.51 20.81 3.04
C ILE C 86 29.11 22.10 2.49
N MET C 87 29.77 22.01 1.35
CA MET C 87 30.39 23.17 0.72
C MET C 87 29.42 23.97 -0.13
N ILE C 88 28.43 23.32 -0.75
CA ILE C 88 27.35 24.00 -1.45
C ILE C 88 26.06 23.38 -0.99
N GLN C 89 25.18 24.17 -0.36
CA GLN C 89 23.97 23.65 0.22
C GLN C 89 22.90 23.44 -0.85
N HIS C 90 22.20 22.32 -0.76
CA HIS C 90 21.10 22.02 -1.67
C HIS C 90 19.94 21.45 -0.88
N LYS C 91 18.72 21.79 -1.28
CA LYS C 91 17.53 21.16 -0.70
C LYS C 91 17.68 19.64 -0.78
N THR C 92 17.38 18.96 0.32
CA THR C 92 17.77 17.58 0.52
C THR C 92 16.58 16.66 0.72
N SER C 93 16.53 15.56 -0.04
CA SER C 93 15.53 14.50 0.19
C SER C 93 15.94 13.62 1.38
N SER C 94 17.18 13.15 1.39
CA SER C 94 17.56 12.22 2.44
C SER C 94 19.06 12.10 2.54
N TRP C 95 19.48 11.51 3.67
CA TRP C 95 20.82 11.01 3.93
C TRP C 95 20.66 9.52 4.20
N GLU C 96 21.36 8.67 3.44
CA GLU C 96 21.20 7.23 3.64
C GLU C 96 22.55 6.53 3.53
N TYR C 97 22.64 5.37 4.20
CA TYR C 97 23.91 4.64 4.28
C TYR C 97 23.71 3.16 3.96
N PHE C 98 24.58 2.62 3.09
CA PHE C 98 24.68 1.20 2.76
C PHE C 98 26.01 0.67 3.26
N ILE C 99 26.08 -0.63 3.53
CA ILE C 99 27.34 -1.26 3.92
C ILE C 99 27.52 -2.54 3.12
N THR C 100 28.78 -2.89 2.87
CA THR C 100 29.10 -4.14 2.18
C THR C 100 28.48 -5.30 2.93
N LYS C 101 28.15 -6.35 2.18
N LYS C 101 28.13 -6.35 2.18
CA LYS C 101 27.59 -7.55 2.77
CA LYS C 101 27.52 -7.51 2.80
C LYS C 101 28.60 -8.24 3.67
C LYS C 101 28.55 -8.30 3.60
N LEU C 102 28.08 -8.93 4.68
CA LEU C 102 28.89 -9.91 5.37
C LEU C 102 29.33 -10.95 4.34
N GLY C 103 30.63 -11.11 4.17
CA GLY C 103 31.12 -12.02 3.17
C GLY C 103 31.47 -11.40 1.83
N TRP C 104 31.40 -10.07 1.71
CA TRP C 104 31.88 -9.42 0.50
C TRP C 104 33.38 -9.70 0.29
N ASP C 105 33.85 -9.44 -0.93
CA ASP C 105 35.23 -9.73 -1.31
C ASP C 105 35.99 -8.42 -1.41
N PRO C 106 36.85 -8.09 -0.44
CA PRO C 106 37.57 -6.81 -0.47
C PRO C 106 38.60 -6.69 -1.57
N ASN C 107 38.83 -7.74 -2.36
CA ASN C 107 39.77 -7.68 -3.47
C ASN C 107 39.08 -7.71 -4.84
N LYS C 108 37.76 -7.46 -4.89
CA LYS C 108 36.99 -7.34 -6.12
C LYS C 108 36.27 -6.00 -6.18
N PRO C 109 35.95 -5.49 -7.36
CA PRO C 109 35.32 -4.16 -7.46
C PRO C 109 34.01 -4.07 -6.68
N LEU C 110 33.76 -2.88 -6.15
CA LEU C 110 32.47 -2.58 -5.52
C LEU C 110 31.36 -2.64 -6.55
N THR C 111 30.29 -3.39 -6.22
CA THR C 111 29.11 -3.59 -7.06
C THR C 111 27.88 -3.62 -6.18
N ARG C 112 26.71 -3.59 -6.81
CA ARG C 112 25.47 -3.78 -6.06
C ARG C 112 25.46 -5.12 -5.34
N GLU C 113 26.03 -6.16 -5.97
CA GLU C 113 26.09 -7.48 -5.34
C GLU C 113 26.98 -7.47 -4.11
N GLN C 114 27.99 -6.60 -4.07
CA GLN C 114 28.86 -6.48 -2.91
C GLN C 114 28.24 -5.75 -1.73
N PHE C 115 27.22 -4.92 -1.96
CA PHE C 115 26.55 -4.17 -0.91
C PHE C 115 25.24 -4.86 -0.54
N ASN C 116 24.80 -4.66 0.70
CA ASN C 116 23.41 -4.97 1.02
C ASN C 116 22.51 -4.16 0.13
N SER C 117 21.31 -4.69 -0.14
CA SER C 117 20.45 -4.09 -1.14
C SER C 117 19.67 -2.90 -0.62
N THR C 118 19.48 -2.80 0.69
CA THR C 118 18.77 -1.70 1.32
C THR C 118 19.68 -1.00 2.31
N PRO C 119 19.39 0.26 2.64
CA PRO C 119 20.24 1.00 3.56
C PRO C 119 20.09 0.53 5.00
N PHE C 120 21.17 0.63 5.77
CA PHE C 120 21.06 0.38 7.20
C PHE C 120 20.73 1.64 7.99
N CYS C 121 20.69 2.79 7.33
CA CYS C 121 20.39 4.06 7.98
C CYS C 121 19.75 4.97 6.95
N PHE C 122 18.68 5.65 7.32
CA PHE C 122 17.95 6.51 6.40
C PHE C 122 17.34 7.66 7.18
N GLU C 123 17.71 8.88 6.82
CA GLU C 123 17.17 10.06 7.49
C GLU C 123 16.49 10.93 6.44
N ASP C 124 15.15 10.97 6.48
CA ASP C 124 14.39 11.80 5.56
C ASP C 124 14.53 13.27 5.97
N TYR C 125 14.92 14.12 5.02
CA TYR C 125 15.18 15.52 5.34
C TYR C 125 14.09 16.46 4.85
N GLN C 126 13.08 15.93 4.16
CA GLN C 126 11.84 16.67 3.90
C GLN C 126 12.09 17.92 3.08
N GLU C 127 13.08 17.85 2.19
CA GLU C 127 13.41 18.90 1.22
C GLU C 127 13.97 20.15 1.89
N LYS C 128 14.49 20.02 3.11
CA LYS C 128 15.05 21.17 3.79
C LYS C 128 16.48 21.46 3.32
N MET C 129 16.88 22.71 3.50
CA MET C 129 18.23 23.13 3.20
C MET C 129 19.13 22.82 4.39
N PRO C 130 20.20 22.05 4.21
CA PRO C 130 21.13 21.81 5.32
C PRO C 130 22.02 23.01 5.57
N SER C 131 22.63 23.00 6.75
CA SER C 131 23.68 23.98 7.06
C SER C 131 25.00 23.46 6.51
N SER C 132 26.11 24.13 6.87
CA SER C 132 27.42 23.73 6.38
C SER C 132 27.91 22.43 6.99
N ARG C 133 27.26 21.93 8.04
CA ARG C 133 27.62 20.70 8.70
C ARG C 133 26.36 19.89 8.99
N VAL C 134 26.39 18.61 8.66
CA VAL C 134 25.28 17.70 8.90
C VAL C 134 25.80 16.46 9.61
N ILE C 135 25.12 16.04 10.67
CA ILE C 135 25.43 14.81 11.38
C ILE C 135 24.23 13.87 11.27
N ASN C 136 24.48 12.64 10.83
CA ASN C 136 23.47 11.59 10.80
C ASN C 136 23.83 10.53 11.84
N LYS C 137 22.88 10.22 12.73
CA LYS C 137 23.08 9.15 13.72
C LYS C 137 22.50 7.85 13.21
N CYS C 138 23.29 6.77 13.32
CA CYS C 138 22.97 5.48 12.74
C CYS C 138 23.44 4.37 13.67
N THR C 139 23.01 3.15 13.36
CA THR C 139 23.45 1.95 14.06
C THR C 139 23.84 0.91 13.01
N LEU C 140 25.02 0.31 13.17
CA LEU C 140 25.45 -0.71 12.24
C LEU C 140 24.60 -1.97 12.40
N PRO C 141 24.43 -2.77 11.35
CA PRO C 141 23.83 -4.08 11.51
C PRO C 141 24.70 -4.92 12.44
N GLU C 142 24.08 -5.83 13.18
CA GLU C 142 24.93 -6.60 14.07
C GLU C 142 25.68 -7.69 13.29
N GLY C 143 26.71 -8.24 13.94
CA GLY C 143 27.55 -9.25 13.34
C GLY C 143 28.69 -8.74 12.49
N TYR C 144 28.88 -7.42 12.40
CA TYR C 144 29.92 -6.88 11.53
C TYR C 144 31.23 -6.75 12.28
N GLN C 145 32.32 -7.01 11.55
CA GLN C 145 33.67 -6.84 12.04
C GLN C 145 34.60 -6.87 10.84
N GLY C 146 35.81 -6.35 11.02
CA GLY C 146 36.80 -6.37 9.95
C GLY C 146 36.58 -5.27 8.93
N TYR C 147 37.15 -5.48 7.75
CA TYR C 147 37.17 -4.46 6.70
C TYR C 147 35.84 -4.45 5.94
N HIS C 148 35.19 -3.28 5.96
CA HIS C 148 33.92 -3.07 5.27
C HIS C 148 33.92 -1.68 4.67
N VAL C 149 33.18 -1.52 3.57
CA VAL C 149 33.01 -0.22 2.94
C VAL C 149 31.57 0.23 3.17
N ILE C 150 31.43 1.44 3.68
CA ILE C 150 30.14 2.09 3.85
C ILE C 150 29.97 3.10 2.73
N LEU C 151 28.80 3.09 2.10
CA LEU C 151 28.46 4.06 1.06
C LEU C 151 27.45 5.05 1.64
N GLY C 152 27.87 6.29 1.83
CA GLY C 152 26.94 7.37 2.17
C GLY C 152 26.40 8.05 0.91
N VAL C 153 25.08 8.29 0.91
CA VAL C 153 24.38 8.88 -0.24
C VAL C 153 23.58 10.08 0.24
N TRP C 154 23.87 11.25 -0.31
CA TRP C 154 23.17 12.50 -0.05
C TRP C 154 22.31 12.79 -1.28
N THR C 155 21.00 12.61 -1.15
CA THR C 155 20.10 12.72 -2.30
C THR C 155 19.50 14.12 -2.36
N ILE C 156 19.61 14.78 -3.52
CA ILE C 156 19.20 16.17 -3.69
C ILE C 156 17.74 16.20 -4.13
N SER C 157 16.92 17.03 -3.48
CA SER C 157 15.48 16.97 -3.77
C SER C 157 15.11 17.68 -5.07
N ASP C 158 15.84 18.74 -5.46
CA ASP C 158 15.43 19.53 -6.60
C ASP C 158 16.33 19.35 -7.82
N THR C 159 17.17 18.31 -7.83
CA THR C 159 17.89 17.88 -9.03
C THR C 159 17.68 16.38 -9.23
N LEU C 160 18.28 15.85 -10.28
CA LEU C 160 18.25 14.42 -10.59
C LEU C 160 19.34 13.64 -9.86
N ASN C 161 20.14 14.29 -9.02
CA ASN C 161 21.40 13.69 -8.60
C ASN C 161 21.47 13.43 -7.09
N ALA C 162 22.58 12.79 -6.72
CA ALA C 162 22.98 12.52 -5.35
C ALA C 162 24.50 12.57 -5.29
N PHE C 163 25.02 12.71 -4.08
CA PHE C 163 26.46 12.65 -3.85
C PHE C 163 26.81 11.36 -3.14
N TYR C 164 27.91 10.74 -3.59
CA TYR C 164 28.27 9.37 -3.23
C TYR C 164 29.63 9.36 -2.52
N GLN C 165 29.65 8.85 -1.29
CA GLN C 165 30.85 8.90 -0.46
C GLN C 165 31.12 7.49 0.09
N VAL C 166 32.11 6.78 -0.47
CA VAL C 166 32.49 5.50 0.11
C VAL C 166 33.49 5.77 1.23
N ILE C 167 33.38 4.96 2.30
CA ILE C 167 34.22 5.05 3.50
C ILE C 167 34.81 3.68 3.78
N ASP C 168 36.13 3.61 3.96
CA ASP C 168 36.80 2.37 4.33
C ASP C 168 36.91 2.27 5.85
N THR C 169 36.42 1.16 6.41
CA THR C 169 36.35 1.00 7.85
C THR C 169 36.93 -0.33 8.29
N THR C 170 37.42 -0.33 9.53
CA THR C 170 37.79 -1.54 10.25
C THR C 170 36.94 -1.57 11.51
N ILE C 171 35.97 -2.48 11.54
CA ILE C 171 34.98 -2.53 12.61
C ILE C 171 35.44 -3.51 13.68
N SER C 172 35.55 -3.04 14.92
CA SER C 172 36.00 -3.99 15.91
C SER C 172 34.81 -4.80 16.43
N PRO C 173 34.98 -6.11 16.63
CA PRO C 173 33.82 -6.95 16.97
C PRO C 173 33.20 -6.54 18.28
N ALA C 174 31.88 -6.66 18.35
CA ALA C 174 31.15 -6.40 19.59
C ALA C 174 31.52 -7.45 20.63
CU CU D . -4.67 -4.86 21.14
CU CU E . 7.60 7.72 21.70
CU CU F . -34.18 -15.26 -15.98
CU CU G . 26.54 20.88 -4.98
CU CU H . 34.99 16.23 -17.39
CU CU I . 20.07 -10.57 17.52
#